data_5T6K
#
_entry.id   5T6K
#
_cell.length_a   47.960
_cell.length_b   72.456
_cell.length_c   65.671
_cell.angle_alpha   90.00
_cell.angle_beta   98.22
_cell.angle_gamma   90.00
#
_symmetry.space_group_name_H-M   'P 1 21 1'
#
loop_
_entity.id
_entity.type
_entity.pdbx_description
1 polymer 'Calmodulin-domain protein kinase 1'
2 non-polymer 4-(3-chlorophenyl)-5-(1,5-naphthyridin-2-yl)-1,3-thiazol-2-amine
3 non-polymer 'UNKNOWN ATOM OR ION'
4 water water
#
_entity_poly.entity_id   1
_entity_poly.type   'polypeptide(L)'
_entity_poly.pdbx_seq_one_letter_code
;MHHHHHHSSGRENLYFQGMGQQESTLGGAAGEPRSRGHAAGTSGGPGDHLHATPGMFVQHSTAIFSDRYKGQRVLGKGSF
GEVILCKDKITGQECAVKVISKRQVKQKTDKESLLREVQLLKQLDHPNIMKLYEFFEDKGYFYLVGEVYTGGELFDEIIS
RKRFSEVDAARIIRQVLSGITYMHKNKIVHRDLKPENLLLESKSKDANIRIIDFGLSTHFEASKKMKDKIGTAYYIAPEV
LHGTYDEKCDVWSTGVILYILLSGCPPFNGANEYDILKKVEKGKYTFELPQWKKVSESAKDLIRKMLTYVPSMRISARDA
LDHEWIQTYTKEQISVDVPSLDNAILNIRQFQGTQKLAQAALLYMGSKLTSQDETKELTAIFHKMDKNGDGQLDRAELIE
GYKELMRMKGQDASMLDASAVEHEVDQVLDAVDFDKNGYIEYSEFVTVAMDRKTLLSRERLERAFRMFDSDNSGKISSTE
LATIFGVSDVDSETWKSVLSEVDKNNDGEVDFDEFQQMLLKLCGN
;
_entity_poly.pdbx_strand_id   A
#
loop_
_chem_comp.id
_chem_comp.type
_chem_comp.name
_chem_comp.formula
5G9 non-polymer 4-(3-chlorophenyl)-5-(1,5-naphthyridin-2-yl)-1,3-thiazol-2-amine 'C17 H11 Cl N4 S'
UNX non-polymer 'UNKNOWN ATOM OR ION' ?
#
# COMPACT_ATOMS: atom_id res chain seq x y z
N THR A 62 -28.34 -9.45 7.97
CA THR A 62 -29.61 -8.84 7.60
C THR A 62 -29.38 -7.49 6.91
N ALA A 63 -28.55 -6.61 7.51
CA ALA A 63 -28.26 -5.27 6.96
C ALA A 63 -27.47 -5.37 5.62
N ILE A 64 -27.94 -4.66 4.59
CA ILE A 64 -27.31 -4.64 3.27
C ILE A 64 -26.56 -3.30 3.11
N PHE A 65 -25.35 -3.37 2.53
CA PHE A 65 -24.47 -2.22 2.31
C PHE A 65 -25.07 -1.24 1.28
N SER A 66 -25.45 -1.74 0.09
CA SER A 66 -26.03 -0.96 -1.04
C SER A 66 -27.27 -0.15 -0.63
N ASP A 67 -28.07 -0.69 0.32
CA ASP A 67 -29.25 -0.02 0.84
C ASP A 67 -28.91 1.20 1.73
N ARG A 68 -27.60 1.46 2.04
CA ARG A 68 -27.19 2.59 2.88
C ARG A 68 -26.13 3.49 2.23
N TYR A 69 -25.15 2.94 1.51
CA TYR A 69 -24.05 3.70 0.93
C TYR A 69 -24.01 3.66 -0.56
N LYS A 70 -23.51 4.73 -1.17
CA LYS A 70 -23.29 4.82 -2.60
C LYS A 70 -21.83 5.21 -2.86
N GLY A 71 -21.18 4.54 -3.79
CA GLY A 71 -19.79 4.83 -4.15
C GLY A 71 -19.64 6.16 -4.86
N GLN A 72 -18.56 6.89 -4.54
CA GLN A 72 -18.25 8.18 -5.14
C GLN A 72 -16.99 8.08 -6.01
N ARG A 73 -15.89 7.63 -5.44
CA ARG A 73 -14.62 7.50 -6.16
C ARG A 73 -13.68 6.58 -5.42
N VAL A 74 -12.74 5.98 -6.16
CA VAL A 74 -11.72 5.09 -5.56
C VAL A 74 -10.71 5.94 -4.78
N LEU A 75 -10.49 5.62 -3.49
CA LEU A 75 -9.53 6.33 -2.64
C LEU A 75 -8.11 5.77 -2.77
N GLY A 76 -8.01 4.52 -3.22
CA GLY A 76 -6.75 3.82 -3.38
C GLY A 76 -6.87 2.35 -3.04
N LYS A 77 -5.74 1.71 -2.74
CA LYS A 77 -5.70 0.31 -2.35
C LYS A 77 -5.27 0.17 -0.90
N GLY A 78 -5.80 -0.86 -0.25
CA GLY A 78 -5.45 -1.24 1.11
C GLY A 78 -5.06 -2.70 1.13
N SER A 79 -4.69 -3.23 2.29
CA SER A 79 -4.36 -4.64 2.40
C SER A 79 -5.68 -5.41 2.48
N PHE A 80 -5.83 -6.52 1.71
CA PHE A 80 -6.99 -7.43 1.63
C PHE A 80 -8.10 -6.91 0.68
N GLY A 81 -7.98 -5.69 0.13
CA GLY A 81 -9.00 -5.18 -0.77
C GLY A 81 -8.90 -3.69 -1.10
N GLU A 82 -9.75 -3.23 -2.03
CA GLU A 82 -9.76 -1.84 -2.47
C GLU A 82 -10.56 -0.95 -1.51
N VAL A 83 -10.15 0.33 -1.42
CA VAL A 83 -10.77 1.34 -0.58
C VAL A 83 -11.54 2.33 -1.46
N ILE A 84 -12.86 2.39 -1.28
CA ILE A 84 -13.77 3.27 -2.03
C ILE A 84 -14.30 4.38 -1.12
N LEU A 85 -14.43 5.63 -1.65
CA LEU A 85 -15.03 6.75 -0.92
C LEU A 85 -16.51 6.59 -1.16
N CYS A 86 -17.29 6.47 -0.08
CA CYS A 86 -18.72 6.24 -0.13
C CYS A 86 -19.42 7.31 0.65
N LYS A 87 -20.71 7.47 0.35
CA LYS A 87 -21.55 8.46 0.97
C LYS A 87 -22.85 7.82 1.45
N ASP A 88 -23.26 8.10 2.69
CA ASP A 88 -24.54 7.62 3.26
C ASP A 88 -25.66 8.29 2.43
N LYS A 89 -26.64 7.49 1.96
CA LYS A 89 -27.77 7.99 1.13
C LYS A 89 -28.73 8.90 1.89
N ILE A 90 -28.73 8.89 3.23
CA ILE A 90 -29.62 9.72 4.03
C ILE A 90 -28.91 10.96 4.54
N THR A 91 -27.83 10.77 5.33
CA THR A 91 -27.13 11.85 6.02
C THR A 91 -25.98 12.47 5.24
N GLY A 92 -25.63 11.91 4.08
CA GLY A 92 -24.54 12.44 3.26
C GLY A 92 -23.14 12.29 3.85
N GLN A 93 -22.99 11.60 5.00
CA GLN A 93 -21.69 11.40 5.64
C GLN A 93 -20.77 10.65 4.72
N GLU A 94 -19.53 11.13 4.55
CA GLU A 94 -18.53 10.47 3.71
C GLU A 94 -17.82 9.42 4.53
N CYS A 95 -17.47 8.28 3.91
CA CYS A 95 -16.81 7.15 4.59
CA CYS A 95 -16.76 7.21 4.61
C CYS A 95 -15.81 6.48 3.66
N ALA A 96 -14.76 5.88 4.23
CA ALA A 96 -13.77 5.10 3.48
C ALA A 96 -14.24 3.66 3.70
N VAL A 97 -14.54 2.93 2.62
CA VAL A 97 -15.05 1.56 2.73
C VAL A 97 -14.02 0.63 2.11
N LYS A 98 -13.47 -0.33 2.90
CA LYS A 98 -12.55 -1.34 2.35
C LYS A 98 -13.41 -2.53 1.93
N VAL A 99 -13.39 -2.91 0.65
CA VAL A 99 -14.16 -4.06 0.15
C VAL A 99 -13.19 -5.25 0.06
N ILE A 100 -13.46 -6.33 0.82
CA ILE A 100 -12.65 -7.55 0.89
C ILE A 100 -13.39 -8.69 0.19
N SER A 101 -12.88 -9.17 -0.95
CA SER A 101 -13.51 -10.29 -1.67
C SER A 101 -13.21 -11.62 -0.96
N LYS A 102 -14.26 -12.37 -0.57
CA LYS A 102 -14.12 -13.65 0.13
C LYS A 102 -13.40 -14.72 -0.73
N ARG A 103 -13.51 -14.64 -2.08
CA ARG A 103 -12.85 -15.59 -2.98
C ARG A 103 -11.34 -15.35 -3.02
N GLN A 104 -10.90 -14.08 -2.89
CA GLN A 104 -9.48 -13.71 -2.90
C GLN A 104 -8.83 -13.70 -1.51
N VAL A 105 -9.62 -13.64 -0.40
CA VAL A 105 -9.08 -13.59 0.97
C VAL A 105 -9.67 -14.72 1.84
N LYS A 106 -8.80 -15.50 2.51
CA LYS A 106 -9.19 -16.61 3.38
C LYS A 106 -9.25 -16.13 4.85
N GLN A 107 -10.24 -16.62 5.61
CA GLN A 107 -10.43 -16.27 7.03
C GLN A 107 -9.61 -17.19 7.94
N LYS A 108 -8.72 -16.61 8.77
CA LYS A 108 -7.89 -17.37 9.71
C LYS A 108 -8.72 -17.99 10.85
N THR A 109 -9.84 -17.34 11.21
CA THR A 109 -10.74 -17.78 12.27
C THR A 109 -12.15 -18.02 11.71
N ASP A 110 -13.06 -18.51 12.55
CA ASP A 110 -14.46 -18.71 12.16
C ASP A 110 -15.20 -17.35 12.09
N LYS A 111 -16.47 -17.35 11.65
CA LYS A 111 -17.28 -16.13 11.52
C LYS A 111 -17.65 -15.56 12.92
N GLU A 112 -17.74 -16.41 13.96
CA GLU A 112 -18.06 -15.97 15.34
C GLU A 112 -16.93 -15.11 15.92
N SER A 113 -15.66 -15.49 15.70
CA SER A 113 -14.51 -14.73 16.22
C SER A 113 -14.36 -13.36 15.56
N LEU A 114 -14.71 -13.25 14.26
CA LEU A 114 -14.63 -12.00 13.50
C LEU A 114 -15.67 -10.99 13.98
N LEU A 115 -16.93 -11.43 14.11
CA LEU A 115 -18.01 -10.56 14.59
C LEU A 115 -17.69 -9.95 15.96
N ARG A 116 -17.10 -10.76 16.86
CA ARG A 116 -16.76 -10.33 18.21
C ARG A 116 -15.56 -9.35 18.20
N GLU A 117 -14.54 -9.55 17.33
CA GLU A 117 -13.39 -8.61 17.24
C GLU A 117 -13.86 -7.26 16.65
N VAL A 118 -14.72 -7.34 15.62
CA VAL A 118 -15.29 -6.17 14.94
C VAL A 118 -16.18 -5.40 15.87
N GLN A 119 -16.93 -6.08 16.72
CA GLN A 119 -17.77 -5.43 17.71
C GLN A 119 -16.90 -4.64 18.68
N LEU A 120 -15.80 -5.26 19.17
CA LEU A 120 -14.87 -4.61 20.09
C LEU A 120 -14.22 -3.42 19.41
N LEU A 121 -13.62 -3.62 18.22
CA LEU A 121 -12.98 -2.55 17.41
C LEU A 121 -13.91 -1.32 17.17
N LYS A 122 -15.22 -1.54 16.95
CA LYS A 122 -16.18 -0.43 16.79
C LYS A 122 -16.34 0.40 18.05
N GLN A 123 -16.12 -0.17 19.25
CA GLN A 123 -16.27 0.50 20.53
C GLN A 123 -15.00 1.23 21.00
N LEU A 124 -13.84 0.93 20.39
CA LEU A 124 -12.56 1.52 20.78
C LEU A 124 -12.45 2.91 20.18
N ASP A 125 -11.79 3.85 20.89
CA ASP A 125 -11.62 5.23 20.45
C ASP A 125 -10.29 5.81 20.91
N HIS A 126 -9.41 6.15 19.94
CA HIS A 126 -8.15 6.79 20.22
C HIS A 126 -7.82 7.78 19.11
N PRO A 127 -7.25 8.97 19.40
CA PRO A 127 -6.91 9.89 18.29
C PRO A 127 -5.83 9.36 17.32
N ASN A 128 -5.09 8.28 17.62
CA ASN A 128 -4.09 7.78 16.67
C ASN A 128 -4.47 6.43 16.07
N ILE A 129 -5.75 6.03 16.19
CA ILE A 129 -6.26 4.78 15.63
C ILE A 129 -7.44 5.11 14.72
N MET A 130 -7.54 4.43 13.57
CA MET A 130 -8.67 4.67 12.64
C MET A 130 -10.02 4.28 13.27
N LYS A 131 -11.05 5.10 13.02
CA LYS A 131 -12.39 4.82 13.51
C LYS A 131 -13.16 3.92 12.51
N LEU A 132 -13.64 2.77 13.02
CA LEU A 132 -14.45 1.78 12.30
C LEU A 132 -15.90 2.06 12.69
N TYR A 133 -16.77 2.30 11.72
CA TYR A 133 -18.17 2.63 11.99
C TYR A 133 -19.08 1.46 11.85
N GLU A 134 -18.95 0.72 10.75
CA GLU A 134 -19.84 -0.40 10.42
C GLU A 134 -19.08 -1.55 9.79
N PHE A 135 -19.77 -2.67 9.67
CA PHE A 135 -19.27 -3.88 9.06
C PHE A 135 -20.42 -4.58 8.37
N PHE A 136 -20.28 -4.90 7.09
CA PHE A 136 -21.33 -5.62 6.34
C PHE A 136 -20.69 -6.81 5.67
N GLU A 137 -21.49 -7.83 5.38
CA GLU A 137 -21.03 -9.00 4.65
C GLU A 137 -22.15 -9.53 3.78
N ASP A 138 -21.84 -9.87 2.51
CA ASP A 138 -22.79 -10.50 1.60
C ASP A 138 -22.12 -11.79 1.10
N LYS A 139 -22.73 -12.53 0.15
CA LYS A 139 -22.22 -13.82 -0.35
C LYS A 139 -20.72 -13.78 -0.69
N GLY A 140 -20.27 -12.76 -1.41
CA GLY A 140 -18.89 -12.67 -1.91
C GLY A 140 -17.98 -11.60 -1.38
N TYR A 141 -18.42 -10.79 -0.38
CA TYR A 141 -17.55 -9.70 0.12
C TYR A 141 -17.80 -9.33 1.56
N PHE A 142 -16.81 -8.66 2.16
CA PHE A 142 -16.89 -8.04 3.48
C PHE A 142 -16.69 -6.54 3.24
N TYR A 143 -17.40 -5.69 3.97
CA TYR A 143 -17.32 -4.23 3.81
C TYR A 143 -16.98 -3.61 5.14
N LEU A 144 -15.79 -3.06 5.28
CA LEU A 144 -15.36 -2.40 6.50
C LEU A 144 -15.53 -0.91 6.25
N VAL A 145 -16.51 -0.30 6.92
CA VAL A 145 -16.84 1.12 6.76
C VAL A 145 -16.19 1.89 7.86
N GLY A 146 -15.41 2.91 7.51
CA GLY A 146 -14.71 3.74 8.47
C GLY A 146 -14.55 5.18 8.07
N GLU A 147 -13.76 5.92 8.87
CA GLU A 147 -13.54 7.35 8.70
C GLU A 147 -12.51 7.64 7.54
N VAL A 148 -12.69 8.80 6.89
CA VAL A 148 -11.86 9.30 5.79
C VAL A 148 -10.75 10.17 6.37
N TYR A 149 -9.49 9.89 5.98
CA TYR A 149 -8.32 10.67 6.38
C TYR A 149 -7.64 11.20 5.09
N THR A 150 -7.81 12.48 4.82
CA THR A 150 -7.41 13.14 3.57
C THR A 150 -5.92 13.59 3.45
N GLY A 151 -5.12 13.49 4.51
CA GLY A 151 -3.72 13.93 4.51
C GLY A 151 -2.66 13.04 3.84
N GLY A 152 -3.07 11.87 3.37
CA GLY A 152 -2.16 10.94 2.70
C GLY A 152 -1.33 10.10 3.67
N GLU A 153 -0.30 9.43 3.13
CA GLU A 153 0.60 8.58 3.89
C GLU A 153 1.71 9.44 4.48
N LEU A 154 2.12 9.13 5.71
CA LEU A 154 3.16 9.87 6.44
C LEU A 154 4.45 10.12 5.61
N PHE A 155 5.01 9.07 5.00
CA PHE A 155 6.28 9.16 4.27
C PHE A 155 6.15 10.03 3.02
N ASP A 156 4.95 10.14 2.40
CA ASP A 156 4.74 11.01 1.25
C ASP A 156 4.81 12.49 1.68
N GLU A 157 4.37 12.78 2.93
CA GLU A 157 4.45 14.13 3.49
C GLU A 157 5.90 14.51 3.78
N ILE A 158 6.66 13.58 4.37
CA ILE A 158 8.07 13.80 4.72
C ILE A 158 8.94 14.07 3.48
N ILE A 159 8.72 13.37 2.36
CA ILE A 159 9.54 13.56 1.15
C ILE A 159 9.30 14.97 0.52
N SER A 160 8.13 15.59 0.77
CA SER A 160 7.81 16.92 0.28
C SER A 160 8.43 18.02 1.18
N ARG A 161 8.89 17.66 2.40
CA ARG A 161 9.44 18.63 3.36
C ARG A 161 10.86 19.06 2.98
N LYS A 162 11.24 20.30 3.31
CA LYS A 162 12.59 20.81 3.05
C LYS A 162 13.55 20.38 4.17
N ARG A 163 13.07 20.44 5.43
CA ARG A 163 13.84 20.06 6.63
C ARG A 163 13.09 18.98 7.43
N PHE A 164 13.84 18.12 8.12
CA PHE A 164 13.33 17.03 8.96
C PHE A 164 14.33 16.80 10.09
N SER A 165 13.90 16.98 11.33
CA SER A 165 14.77 16.87 12.50
C SER A 165 14.39 15.68 13.36
N GLU A 166 15.20 15.44 14.38
CA GLU A 166 15.01 14.38 15.38
C GLU A 166 13.76 14.67 16.26
N VAL A 167 13.33 15.94 16.34
CA VAL A 167 12.15 16.38 17.08
C VAL A 167 10.89 16.03 16.28
N ASP A 168 10.95 16.16 14.93
CA ASP A 168 9.84 15.80 14.05
C ASP A 168 9.64 14.27 14.09
N ALA A 169 10.75 13.51 14.11
CA ALA A 169 10.73 12.05 14.18
C ALA A 169 10.14 11.54 15.51
N ALA A 170 10.54 12.12 16.64
CA ALA A 170 10.04 11.77 17.98
C ALA A 170 8.55 12.08 18.10
N ARG A 171 8.11 13.21 17.51
CA ARG A 171 6.71 13.64 17.51
C ARG A 171 5.86 12.61 16.78
N ILE A 172 6.36 12.08 15.64
CA ILE A 172 5.69 11.03 14.87
C ILE A 172 5.61 9.73 15.70
N ILE A 173 6.77 9.26 16.22
CA ILE A 173 6.86 8.00 16.95
C ILE A 173 6.07 8.07 18.27
N ARG A 174 5.93 9.25 18.90
CA ARG A 174 5.13 9.38 20.13
C ARG A 174 3.67 9.08 19.79
N GLN A 175 3.22 9.55 18.63
CA GLN A 175 1.85 9.30 18.19
C GLN A 175 1.64 7.81 17.87
N VAL A 176 2.57 7.22 17.14
CA VAL A 176 2.46 5.81 16.75
C VAL A 176 2.43 4.94 18.02
N LEU A 177 3.32 5.24 18.98
CA LEU A 177 3.37 4.49 20.25
C LEU A 177 2.15 4.74 21.10
N SER A 178 1.54 5.94 21.01
CA SER A 178 0.32 6.26 21.78
C SER A 178 -0.81 5.37 21.31
N GLY A 179 -0.99 5.24 20.00
CA GLY A 179 -2.01 4.39 19.40
C GLY A 179 -1.81 2.94 19.77
N ILE A 180 -0.58 2.45 19.60
CA ILE A 180 -0.25 1.07 19.92
C ILE A 180 -0.57 0.72 21.39
N THR A 181 -0.07 1.52 22.36
CA THR A 181 -0.25 1.23 23.80
C THR A 181 -1.69 1.02 24.16
N TYR A 182 -2.53 1.96 23.70
CA TYR A 182 -3.97 1.92 23.90
C TYR A 182 -4.56 0.60 23.35
N MET A 183 -4.13 0.20 22.14
CA MET A 183 -4.60 -1.02 21.48
C MET A 183 -4.11 -2.27 22.17
N HIS A 184 -2.91 -2.24 22.80
CA HIS A 184 -2.36 -3.39 23.52
C HIS A 184 -3.06 -3.57 24.86
N LYS A 185 -3.52 -2.48 25.49
CA LYS A 185 -4.32 -2.57 26.75
C LYS A 185 -5.65 -3.25 26.48
N ASN A 186 -6.19 -3.11 25.24
CA ASN A 186 -7.43 -3.74 24.79
C ASN A 186 -7.15 -5.10 24.03
N LYS A 187 -5.90 -5.60 24.10
CA LYS A 187 -5.41 -6.90 23.59
C LYS A 187 -5.58 -7.06 22.06
N ILE A 188 -5.42 -5.97 21.32
CA ILE A 188 -5.46 -5.98 19.87
C ILE A 188 -4.00 -5.88 19.43
N VAL A 189 -3.57 -6.76 18.51
CA VAL A 189 -2.22 -6.78 17.92
C VAL A 189 -2.39 -6.35 16.47
N HIS A 190 -1.43 -5.59 15.91
CA HIS A 190 -1.50 -5.23 14.49
C HIS A 190 -0.82 -6.33 13.65
N ARG A 191 0.48 -6.58 13.86
CA ARG A 191 1.32 -7.56 13.15
C ARG A 191 1.89 -6.99 11.83
N ASP A 192 1.13 -6.16 11.10
CA ASP A 192 1.52 -5.62 9.83
C ASP A 192 1.66 -4.13 9.86
N LEU A 193 2.21 -3.59 10.96
CA LEU A 193 2.43 -2.17 11.07
C LEU A 193 3.57 -1.75 10.09
N LYS A 194 3.25 -0.85 9.19
CA LYS A 194 4.18 -0.33 8.19
C LYS A 194 3.80 1.13 7.83
N PRO A 195 4.68 1.86 7.14
CA PRO A 195 4.36 3.26 6.75
C PRO A 195 3.04 3.46 5.97
N GLU A 196 2.64 2.54 5.07
CA GLU A 196 1.36 2.64 4.32
C GLU A 196 0.13 2.66 5.22
N ASN A 197 0.22 2.02 6.41
CA ASN A 197 -0.84 1.98 7.41
C ASN A 197 -0.77 3.14 8.38
N LEU A 198 0.00 4.19 8.07
CA LEU A 198 0.09 5.43 8.85
C LEU A 198 -0.45 6.55 7.94
N LEU A 199 -1.73 6.91 8.12
CA LEU A 199 -2.35 8.00 7.34
C LEU A 199 -2.45 9.28 8.17
N LEU A 200 -2.26 10.42 7.54
CA LEU A 200 -2.37 11.72 8.23
C LEU A 200 -3.81 12.25 8.14
N GLU A 201 -4.38 12.69 9.29
CA GLU A 201 -5.76 13.23 9.39
C GLU A 201 -6.03 14.35 8.39
N SER A 202 -5.08 15.28 8.22
CA SER A 202 -5.25 16.45 7.37
C SER A 202 -4.05 16.71 6.44
N LYS A 203 -4.28 17.61 5.46
CA LYS A 203 -3.31 18.02 4.43
C LYS A 203 -2.00 18.54 5.03
N SER A 204 -2.08 19.31 6.14
CA SER A 204 -0.92 19.92 6.82
C SER A 204 0.18 18.91 7.20
N LYS A 205 1.38 19.44 7.48
CA LYS A 205 2.54 18.63 7.86
C LYS A 205 2.34 18.12 9.28
N ASP A 206 2.29 19.03 10.27
CA ASP A 206 2.09 18.67 11.68
C ASP A 206 0.59 18.41 11.94
N ALA A 207 0.17 17.19 11.56
CA ALA A 207 -1.21 16.68 11.71
C ALA A 207 -1.16 15.35 12.47
N ASN A 208 -2.31 14.88 12.97
CA ASN A 208 -2.38 13.63 13.72
C ASN A 208 -2.29 12.42 12.79
N ILE A 209 -1.50 11.43 13.21
CA ILE A 209 -1.30 10.20 12.47
C ILE A 209 -2.38 9.22 12.93
N ARG A 210 -2.98 8.49 11.99
CA ARG A 210 -3.95 7.44 12.26
C ARG A 210 -3.40 6.12 11.77
N ILE A 211 -3.34 5.11 12.65
CA ILE A 211 -2.92 3.75 12.33
C ILE A 211 -4.13 3.05 11.73
N ILE A 212 -3.96 2.44 10.55
CA ILE A 212 -4.98 1.72 9.80
C ILE A 212 -4.79 0.21 9.98
N ASP A 213 -5.88 -0.55 9.82
CA ASP A 213 -5.99 -2.01 9.85
C ASP A 213 -5.56 -2.67 11.19
N PHE A 214 -5.58 -1.94 12.29
CA PHE A 214 -5.25 -2.50 13.61
C PHE A 214 -6.31 -3.54 13.98
N GLY A 215 -5.95 -4.83 13.98
CA GLY A 215 -6.84 -5.93 14.30
C GLY A 215 -7.34 -6.80 13.14
N LEU A 216 -7.13 -6.39 11.87
CA LEU A 216 -7.56 -7.15 10.69
C LEU A 216 -6.78 -8.48 10.47
N SER A 217 -5.45 -8.45 10.65
CA SER A 217 -4.52 -9.58 10.45
C SER A 217 -4.91 -10.85 11.24
N THR A 218 -5.49 -10.70 12.44
CA THR A 218 -5.90 -11.87 13.25
C THR A 218 -7.05 -12.68 12.55
N HIS A 219 -7.75 -12.08 11.54
CA HIS A 219 -8.87 -12.72 10.86
C HIS A 219 -8.74 -12.81 9.32
N PHE A 220 -7.67 -12.30 8.68
CA PHE A 220 -7.54 -12.38 7.22
C PHE A 220 -6.12 -12.78 6.83
N GLU A 221 -6.01 -13.68 5.84
CA GLU A 221 -4.73 -14.18 5.36
C GLU A 221 -4.31 -13.40 4.12
N ALA A 222 -3.05 -12.93 4.07
CA ALA A 222 -2.51 -12.18 2.93
C ALA A 222 -1.68 -13.12 2.04
N LYS A 224 0.04 -13.41 -0.70
CA LYS A 224 1.05 -14.05 -1.53
C LYS A 224 1.36 -13.22 -2.80
N LYS A 225 0.33 -12.65 -3.47
CA LYS A 225 0.50 -11.84 -4.69
C LYS A 225 1.56 -10.75 -4.47
N MET A 226 2.55 -10.63 -5.37
CA MET A 226 3.64 -9.66 -5.21
C MET A 226 3.16 -8.22 -5.41
N LYS A 227 2.09 -7.98 -6.21
CA LYS A 227 1.47 -6.63 -6.33
C LYS A 227 1.16 -6.13 -4.90
N ASP A 228 0.66 -7.03 -4.04
CA ASP A 228 0.45 -6.80 -2.61
C ASP A 228 1.73 -7.32 -1.97
N LYS A 229 1.92 -7.24 -0.65
CA LYS A 229 3.17 -7.79 -0.05
C LYS A 229 4.46 -6.96 -0.38
N ILE A 230 4.40 -5.90 -1.24
CA ILE A 230 5.56 -5.05 -1.54
C ILE A 230 5.72 -4.09 -0.37
N GLY A 231 6.95 -4.00 0.13
CA GLY A 231 7.27 -3.17 1.28
C GLY A 231 6.82 -3.72 2.62
N THR A 232 6.66 -5.03 2.75
CA THR A 232 6.20 -5.59 4.03
C THR A 232 7.32 -6.26 4.81
N ALA A 233 8.33 -6.84 4.11
CA ALA A 233 9.42 -7.60 4.69
C ALA A 233 10.34 -6.74 5.56
N TYR A 234 10.39 -5.44 5.31
CA TYR A 234 11.27 -4.55 6.05
C TYR A 234 10.88 -4.44 7.50
N TYR A 235 9.56 -4.47 7.77
CA TYR A 235 8.96 -4.17 9.06
C TYR A 235 8.50 -5.36 9.89
N ILE A 236 8.37 -6.56 9.29
CA ILE A 236 7.86 -7.77 9.94
C ILE A 236 8.85 -8.22 11.05
N ALA A 237 8.30 -8.53 12.25
CA ALA A 237 9.10 -8.99 13.40
C ALA A 237 9.61 -10.40 13.15
N PRO A 238 10.85 -10.72 13.54
CA PRO A 238 11.39 -12.07 13.25
C PRO A 238 10.49 -13.21 13.76
N GLU A 239 9.90 -13.04 14.94
CA GLU A 239 9.00 -14.02 15.54
C GLU A 239 7.71 -14.20 14.75
N VAL A 240 7.26 -13.22 13.97
CA VAL A 240 6.05 -13.43 13.16
C VAL A 240 6.38 -14.49 12.08
N LEU A 241 7.63 -14.50 11.57
CA LEU A 241 8.09 -15.43 10.54
C LEU A 241 8.09 -16.88 11.01
N HIS A 242 8.44 -17.13 12.28
CA HIS A 242 8.50 -18.47 12.81
C HIS A 242 7.19 -18.92 13.46
N GLY A 243 6.21 -18.03 13.63
CA GLY A 243 4.87 -18.38 14.09
C GLY A 243 4.44 -18.04 15.49
N THR A 244 5.39 -17.83 16.44
CA THR A 244 5.03 -17.54 17.80
C THR A 244 5.24 -16.09 18.06
N TYR A 245 4.16 -15.33 18.09
CA TYR A 245 4.26 -13.89 18.34
C TYR A 245 3.12 -13.42 19.20
N ASP A 246 3.32 -12.24 19.80
CA ASP A 246 2.36 -11.55 20.66
C ASP A 246 2.38 -10.07 20.26
N GLU A 247 1.86 -9.16 21.09
CA GLU A 247 1.83 -7.72 20.82
C GLU A 247 3.23 -7.09 20.68
N LYS A 248 4.31 -7.70 21.19
CA LYS A 248 5.67 -7.13 21.07
C LYS A 248 6.14 -7.00 19.61
N CYS A 249 5.53 -7.74 18.67
CA CYS A 249 5.87 -7.62 17.25
C CYS A 249 5.63 -6.18 16.76
N ASP A 250 4.62 -5.49 17.30
CA ASP A 250 4.30 -4.09 16.93
C ASP A 250 5.36 -3.10 17.39
N VAL A 251 6.12 -3.43 18.43
CA VAL A 251 7.20 -2.57 18.90
C VAL A 251 8.39 -2.68 17.94
N TRP A 252 8.66 -3.89 17.46
CA TRP A 252 9.73 -4.15 16.50
C TRP A 252 9.50 -3.33 15.23
N SER A 253 8.29 -3.37 14.68
CA SER A 253 7.91 -2.64 13.47
C SER A 253 8.07 -1.13 13.63
N THR A 254 7.70 -0.60 14.82
CA THR A 254 7.86 0.83 15.14
C THR A 254 9.37 1.16 15.23
N GLY A 255 10.21 0.28 15.78
CA GLY A 255 11.66 0.48 15.81
C GLY A 255 12.28 0.56 14.42
N VAL A 256 11.76 -0.25 13.48
CA VAL A 256 12.21 -0.26 12.08
C VAL A 256 11.83 1.08 11.45
N ILE A 257 10.57 1.53 11.64
CA ILE A 257 10.07 2.80 11.07
C ILE A 257 10.90 3.97 11.62
N LEU A 258 11.12 3.98 12.95
CA LEU A 258 11.98 4.96 13.63
C LEU A 258 13.41 4.95 13.03
N TYR A 259 13.99 3.76 12.77
CA TYR A 259 15.32 3.65 12.17
C TYR A 259 15.35 4.34 10.77
N ILE A 260 14.30 4.13 9.94
CA ILE A 260 14.19 4.72 8.61
C ILE A 260 13.98 6.24 8.70
N LEU A 261 13.22 6.72 9.71
CA LEU A 261 12.97 8.16 9.88
C LEU A 261 14.26 8.93 10.21
N LEU A 262 15.20 8.28 10.89
CA LEU A 262 16.44 8.93 11.31
C LEU A 262 17.63 8.65 10.39
N SER A 263 17.49 7.77 9.35
CA SER A 263 18.56 7.43 8.39
C SER A 263 18.12 7.42 6.93
N GLY A 264 16.83 7.27 6.66
CA GLY A 264 16.28 7.11 5.32
C GLY A 264 16.47 5.73 4.72
N CYS A 265 17.11 4.79 5.47
CA CYS A 265 17.40 3.45 4.99
C CYS A 265 16.85 2.43 5.97
N PRO A 266 16.26 1.30 5.49
CA PRO A 266 15.84 0.24 6.43
C PRO A 266 17.03 -0.44 7.12
N PRO A 267 16.85 -0.85 8.39
CA PRO A 267 17.91 -1.59 9.10
C PRO A 267 18.20 -2.97 8.52
N PHE A 268 17.19 -3.65 7.97
CA PHE A 268 17.33 -4.95 7.34
C PHE A 268 16.95 -4.73 5.88
N ASN A 269 17.92 -4.80 4.96
CA ASN A 269 17.69 -4.56 3.53
C ASN A 269 18.28 -5.69 2.66
N GLY A 270 17.86 -5.74 1.41
CA GLY A 270 18.32 -6.75 0.47
C GLY A 270 17.86 -6.49 -0.96
N ALA A 271 18.42 -7.27 -1.91
CA ALA A 271 18.12 -7.18 -3.33
C ALA A 271 16.71 -7.68 -3.69
N ASN A 272 16.11 -8.52 -2.86
CA ASN A 272 14.78 -9.07 -3.07
C ASN A 272 14.10 -9.37 -1.72
N GLU A 273 12.83 -9.76 -1.76
CA GLU A 273 12.01 -10.05 -0.58
C GLU A 273 12.66 -11.09 0.34
N TYR A 274 13.11 -12.22 -0.19
CA TYR A 274 13.72 -13.28 0.62
C TYR A 274 15.05 -12.85 1.31
N ASP A 275 15.87 -12.04 0.63
CA ASP A 275 17.13 -11.52 1.19
C ASP A 275 16.88 -10.56 2.34
N ILE A 276 15.80 -9.80 2.28
CA ILE A 276 15.39 -8.90 3.36
C ILE A 276 14.97 -9.76 4.57
N LEU A 277 14.16 -10.79 4.32
CA LEU A 277 13.66 -11.68 5.37
C LEU A 277 14.75 -12.47 6.03
N LYS A 278 15.83 -12.81 5.29
CA LYS A 278 17.01 -13.49 5.85
C LYS A 278 17.70 -12.58 6.86
N LYS A 279 17.90 -11.30 6.50
CA LYS A 279 18.51 -10.30 7.40
C LYS A 279 17.64 -10.11 8.67
N VAL A 280 16.31 -10.00 8.50
CA VAL A 280 15.35 -9.79 9.61
C VAL A 280 15.44 -10.94 10.58
N GLU A 281 15.36 -12.15 10.04
CA GLU A 281 15.41 -13.40 10.78
C GLU A 281 16.74 -13.49 11.56
N LYS A 282 17.89 -13.10 10.97
CA LYS A 282 19.16 -13.11 11.73
C LYS A 282 19.08 -11.98 12.79
N GLY A 283 18.39 -10.89 12.46
CA GLY A 283 18.11 -9.81 13.39
C GLY A 283 19.25 -8.85 13.71
N LYS A 284 20.38 -8.93 12.99
CA LYS A 284 21.52 -8.04 13.20
C LYS A 284 21.46 -6.81 12.24
N TYR A 285 21.83 -5.65 12.77
CA TYR A 285 21.84 -4.38 12.07
C TYR A 285 22.89 -3.49 12.72
N THR A 286 23.18 -2.33 12.14
CA THR A 286 24.19 -1.41 12.66
C THR A 286 23.83 0.03 12.49
N PHE A 287 24.42 0.90 13.32
CA PHE A 287 24.29 2.35 13.21
C PHE A 287 25.64 2.84 12.62
N GLU A 288 26.26 2.03 11.72
CA GLU A 288 27.59 2.29 11.14
C GLU A 288 27.48 2.81 9.71
N LEU A 289 26.76 3.93 9.55
CA LEU A 289 26.58 4.64 8.29
C LEU A 289 26.80 6.10 8.61
N PRO A 290 27.22 6.94 7.63
CA PRO A 290 27.56 8.33 7.95
C PRO A 290 26.40 9.14 8.56
N GLN A 291 25.12 8.81 8.23
CA GLN A 291 23.93 9.49 8.72
C GLN A 291 23.78 9.45 10.26
N TRP A 292 24.15 8.32 10.90
CA TRP A 292 23.97 8.13 12.34
C TRP A 292 24.88 9.00 13.21
N LYS A 293 25.94 9.63 12.64
CA LYS A 293 26.84 10.50 13.40
C LYS A 293 26.08 11.73 13.91
N LYS A 294 25.14 12.26 13.11
CA LYS A 294 24.32 13.43 13.47
C LYS A 294 23.06 13.06 14.28
N VAL A 295 22.93 11.81 14.76
CA VAL A 295 21.77 11.37 15.54
C VAL A 295 22.25 11.05 16.95
N SER A 296 21.47 11.48 17.98
CA SER A 296 21.82 11.29 19.38
C SER A 296 21.86 9.83 19.81
N GLU A 297 22.60 9.56 20.90
CA GLU A 297 22.77 8.23 21.50
C GLU A 297 21.48 7.76 22.19
N SER A 298 20.62 8.71 22.63
CA SER A 298 19.32 8.38 23.25
C SER A 298 18.36 7.79 22.21
N ALA A 299 18.45 8.23 20.94
CA ALA A 299 17.63 7.67 19.85
C ALA A 299 18.14 6.26 19.53
N LYS A 300 19.48 6.10 19.43
CA LYS A 300 20.15 4.80 19.19
C LYS A 300 19.77 3.79 20.28
N ASP A 301 19.70 4.24 21.56
CA ASP A 301 19.33 3.40 22.71
C ASP A 301 17.89 2.93 22.60
N LEU A 302 16.95 3.78 22.14
CA LEU A 302 15.55 3.38 22.03
C LEU A 302 15.39 2.33 20.91
N ILE A 303 15.99 2.60 19.73
CA ILE A 303 15.99 1.67 18.59
C ILE A 303 16.52 0.32 19.04
N ARG A 304 17.62 0.28 19.82
CA ARG A 304 18.22 -0.97 20.34
C ARG A 304 17.22 -1.76 21.19
N LYS A 305 16.45 -1.08 22.04
CA LYS A 305 15.47 -1.70 22.93
C LYS A 305 14.26 -2.24 22.13
N MET A 306 13.80 -1.48 21.13
CA MET A 306 12.68 -1.85 20.27
C MET A 306 13.06 -2.93 19.25
N LEU A 307 14.34 -3.01 18.84
CA LEU A 307 14.84 -4.03 17.91
C LEU A 307 15.62 -5.09 18.66
N THR A 308 15.13 -5.49 19.84
CA THR A 308 15.70 -6.55 20.64
C THR A 308 15.07 -7.83 20.10
N TYR A 309 15.90 -8.82 19.81
CA TYR A 309 15.47 -10.04 19.17
C TYR A 309 14.43 -10.83 19.96
N VAL A 310 14.71 -11.17 21.21
CA VAL A 310 13.80 -12.00 22.03
C VAL A 310 12.66 -11.11 22.54
N PRO A 311 11.39 -11.40 22.15
CA PRO A 311 10.28 -10.51 22.51
C PRO A 311 10.09 -10.23 24.01
N SER A 312 10.40 -11.20 24.92
CA SER A 312 10.28 -10.96 26.36
C SER A 312 11.29 -9.88 26.84
N MET A 313 12.49 -9.84 26.24
N MET A 313 12.50 -9.84 26.23
CA MET A 313 13.53 -8.85 26.57
CA MET A 313 13.54 -8.86 26.55
C MET A 313 13.31 -7.48 25.85
C MET A 313 13.29 -7.48 25.88
N ARG A 314 12.45 -7.43 24.83
CA ARG A 314 12.14 -6.19 24.08
C ARG A 314 11.24 -5.28 24.89
N ILE A 315 11.47 -3.98 24.79
CA ILE A 315 10.69 -2.97 25.49
C ILE A 315 9.21 -2.98 25.03
N SER A 316 8.31 -2.62 25.93
CA SER A 316 6.89 -2.56 25.64
C SER A 316 6.62 -1.21 24.99
N ALA A 317 5.47 -1.09 24.30
CA ALA A 317 5.08 0.18 23.67
C ALA A 317 4.94 1.27 24.75
N ARG A 318 4.38 0.94 25.94
CA ARG A 318 4.19 1.91 27.03
C ARG A 318 5.52 2.41 27.56
N ASP A 319 6.48 1.50 27.78
CA ASP A 319 7.80 1.89 28.27
C ASP A 319 8.56 2.72 27.21
N ALA A 320 8.27 2.56 25.90
CA ALA A 320 8.89 3.37 24.84
C ALA A 320 8.45 4.87 24.93
N LEU A 321 7.16 5.14 25.27
CA LEU A 321 6.63 6.51 25.47
C LEU A 321 7.34 7.18 26.67
N ASP A 322 7.60 6.41 27.74
CA ASP A 322 8.29 6.89 28.95
C ASP A 322 9.85 6.86 28.80
N HIS A 323 10.40 6.53 27.61
CA HIS A 323 11.85 6.52 27.38
C HIS A 323 12.36 7.96 27.35
N GLU A 324 13.61 8.16 27.80
CA GLU A 324 14.31 9.45 27.84
C GLU A 324 14.14 10.24 26.52
N TRP A 325 14.28 9.56 25.37
CA TRP A 325 14.19 10.16 24.04
C TRP A 325 12.82 10.79 23.75
N ILE A 326 11.72 10.05 23.98
CA ILE A 326 10.37 10.59 23.68
C ILE A 326 10.06 11.77 24.61
N GLN A 327 10.45 11.70 25.89
CA GLN A 327 10.22 12.79 26.83
C GLN A 327 11.14 14.00 26.57
N THR A 328 12.42 13.77 26.18
CA THR A 328 13.38 14.85 25.92
C THR A 328 13.06 15.58 24.61
N TYR A 329 12.79 14.84 23.53
CA TYR A 329 12.49 15.39 22.21
C TYR A 329 10.98 15.44 22.03
N PRO A 339 18.29 20.86 14.98
CA PRO A 339 19.16 20.65 13.80
C PRO A 339 18.32 20.16 12.61
N SER A 340 18.94 19.44 11.64
CA SER A 340 18.25 18.84 10.50
C SER A 340 19.01 17.61 10.01
N LEU A 341 18.27 16.59 9.55
CA LEU A 341 18.80 15.33 9.05
C LEU A 341 18.57 15.31 7.54
N ASP A 342 19.41 16.05 6.81
CA ASP A 342 19.29 16.24 5.35
C ASP A 342 19.54 14.95 4.58
N ASN A 343 20.60 14.19 4.92
CA ASN A 343 20.92 12.95 4.22
C ASN A 343 19.82 11.92 4.42
N ALA A 344 19.08 11.96 5.55
CA ALA A 344 17.96 11.06 5.80
C ALA A 344 16.76 11.38 4.89
N ILE A 345 16.51 12.67 4.58
CA ILE A 345 15.42 13.09 3.68
C ILE A 345 15.74 12.67 2.23
N LEU A 346 17.01 12.76 1.83
CA LEU A 346 17.43 12.36 0.48
C LEU A 346 17.30 10.88 0.30
N ASN A 347 17.63 10.10 1.34
CA ASN A 347 17.53 8.64 1.31
C ASN A 347 16.08 8.17 1.38
N ILE A 348 15.26 8.83 2.22
CA ILE A 348 13.84 8.47 2.35
C ILE A 348 13.11 8.81 1.02
N ARG A 349 13.53 9.86 0.28
CA ARG A 349 12.98 10.22 -1.04
C ARG A 349 13.23 9.09 -2.01
N GLN A 350 14.47 8.64 -2.06
CA GLN A 350 14.90 7.55 -2.92
C GLN A 350 14.17 6.26 -2.52
N PHE A 351 14.09 5.94 -1.20
CA PHE A 351 13.36 4.75 -0.72
C PHE A 351 11.90 4.82 -1.15
N GLN A 352 11.23 5.93 -0.86
CA GLN A 352 9.82 6.08 -1.23
C GLN A 352 9.62 6.06 -2.75
N GLY A 353 10.54 6.65 -3.52
CA GLY A 353 10.47 6.65 -4.97
C GLY A 353 10.56 5.25 -5.55
N THR A 354 11.51 4.48 -5.04
CA THR A 354 11.71 3.10 -5.47
C THR A 354 10.51 2.25 -5.13
N GLN A 355 10.00 2.38 -3.90
CA GLN A 355 8.84 1.62 -3.45
C GLN A 355 7.64 1.86 -4.37
N LYS A 356 7.31 3.12 -4.59
CA LYS A 356 6.18 3.56 -5.41
C LYS A 356 6.31 3.21 -6.91
N LEU A 357 7.51 3.21 -7.49
CA LEU A 357 7.64 2.86 -8.91
C LEU A 357 7.46 1.34 -9.11
N ALA A 358 8.07 0.56 -8.25
CA ALA A 358 7.90 -0.91 -8.26
C ALA A 358 6.44 -1.28 -8.13
N GLN A 359 5.72 -0.62 -7.21
CA GLN A 359 4.28 -0.78 -7.06
C GLN A 359 3.53 -0.41 -8.33
N ALA A 360 3.84 0.75 -8.90
CA ALA A 360 3.22 1.21 -10.14
C ALA A 360 3.46 0.23 -11.28
N ALA A 361 4.69 -0.25 -11.43
CA ALA A 361 5.06 -1.27 -12.44
C ALA A 361 4.19 -2.52 -12.30
N LEU A 362 4.01 -3.01 -11.08
CA LEU A 362 3.16 -4.20 -10.83
C LEU A 362 1.67 -3.90 -11.11
N LEU A 363 1.16 -2.72 -10.71
CA LEU A 363 -0.24 -2.32 -10.99
C LEU A 363 -0.47 -2.24 -12.51
N TYR A 364 0.52 -1.71 -13.24
CA TYR A 364 0.50 -1.55 -14.70
C TYR A 364 0.36 -2.92 -15.38
N MET A 365 1.25 -3.85 -15.04
CA MET A 365 1.21 -5.23 -15.57
C MET A 365 -0.12 -5.93 -15.19
N GLY A 366 -0.61 -5.67 -13.97
CA GLY A 366 -1.90 -6.19 -13.51
C GLY A 366 -3.09 -5.67 -14.31
N SER A 367 -3.09 -4.35 -14.63
CA SER A 367 -4.16 -3.71 -15.41
C SER A 367 -4.16 -4.14 -16.88
N LYS A 368 -3.00 -4.53 -17.43
CA LYS A 368 -2.88 -4.98 -18.83
C LYS A 368 -3.50 -6.38 -19.00
N LEU A 369 -3.33 -7.27 -18.00
CA LEU A 369 -3.89 -8.62 -18.05
C LEU A 369 -5.40 -8.54 -17.78
N THR A 370 -5.79 -7.74 -16.77
CA THR A 370 -7.20 -7.49 -16.43
C THR A 370 -7.97 -6.95 -17.64
N SER A 371 -7.39 -5.97 -18.36
CA SER A 371 -8.04 -5.39 -19.54
C SER A 371 -8.06 -6.40 -20.67
N GLN A 372 -6.98 -7.18 -20.87
CA GLN A 372 -6.92 -8.22 -21.91
C GLN A 372 -8.01 -9.29 -21.68
N ASP A 373 -8.21 -9.69 -20.42
CA ASP A 373 -9.23 -10.68 -20.01
C ASP A 373 -10.64 -10.09 -20.22
N GLU A 374 -10.88 -8.86 -19.70
CA GLU A 374 -12.17 -8.14 -19.80
C GLU A 374 -12.58 -7.85 -21.26
N THR A 375 -11.64 -7.46 -22.15
CA THR A 375 -11.94 -7.22 -23.57
C THR A 375 -12.45 -8.48 -24.24
N LYS A 376 -11.76 -9.61 -24.07
CA LYS A 376 -12.16 -10.88 -24.69
C LYS A 376 -13.47 -11.39 -24.07
N GLU A 377 -13.66 -11.24 -22.74
CA GLU A 377 -14.88 -11.68 -22.06
C GLU A 377 -16.08 -10.78 -22.43
N LEU A 378 -15.85 -9.47 -22.65
CA LEU A 378 -16.90 -8.54 -23.04
C LEU A 378 -17.27 -8.74 -24.51
N THR A 379 -16.27 -9.02 -25.38
CA THR A 379 -16.51 -9.23 -26.83
C THR A 379 -17.45 -10.44 -27.04
N ALA A 380 -17.18 -11.56 -26.33
CA ALA A 380 -17.99 -12.77 -26.40
C ALA A 380 -19.43 -12.53 -25.95
N ILE A 381 -19.63 -11.67 -24.93
CA ILE A 381 -20.96 -11.29 -24.40
C ILE A 381 -21.70 -10.43 -25.42
N PHE A 382 -21.04 -9.40 -25.98
CA PHE A 382 -21.63 -8.49 -26.98
C PHE A 382 -21.86 -9.21 -28.33
N HIS A 383 -21.09 -10.28 -28.65
CA HIS A 383 -21.27 -11.06 -29.89
C HIS A 383 -22.50 -11.97 -29.77
N LYS A 384 -22.71 -12.60 -28.59
CA LYS A 384 -23.90 -13.44 -28.33
C LYS A 384 -25.19 -12.58 -28.26
N MET A 385 -25.05 -11.30 -27.87
CA MET A 385 -26.14 -10.33 -27.78
C MET A 385 -26.54 -9.81 -29.19
N ASP A 386 -25.62 -9.88 -30.17
CA ASP A 386 -25.83 -9.39 -31.54
C ASP A 386 -26.66 -10.39 -32.38
N LYS A 387 -27.95 -10.09 -32.55
CA LYS A 387 -28.89 -10.90 -33.34
C LYS A 387 -28.90 -10.41 -34.82
N ASN A 388 -28.81 -9.09 -35.05
CA ASN A 388 -28.79 -8.50 -36.40
C ASN A 388 -27.46 -8.76 -37.11
N GLY A 389 -27.32 -9.97 -37.65
CA GLY A 389 -26.12 -10.40 -38.34
C GLY A 389 -24.92 -10.57 -37.43
N LEU A 393 -23.14 -1.06 -31.29
CA LEU A 393 -24.25 -0.97 -32.23
C LEU A 393 -25.48 -0.29 -31.55
N ASP A 394 -26.12 -0.96 -30.56
CA ASP A 394 -27.28 -0.45 -29.84
C ASP A 394 -26.87 0.08 -28.45
N ARG A 395 -27.20 1.37 -28.15
CA ARG A 395 -26.88 2.03 -26.87
C ARG A 395 -27.37 1.23 -25.66
N ALA A 396 -28.61 0.73 -25.71
CA ALA A 396 -29.17 -0.09 -24.62
C ALA A 396 -28.46 -1.44 -24.51
N GLU A 397 -28.08 -2.05 -25.66
CA GLU A 397 -27.38 -3.34 -25.69
C GLU A 397 -25.93 -3.19 -25.18
N LEU A 398 -25.21 -2.11 -25.62
CA LEU A 398 -23.82 -1.85 -25.17
C LEU A 398 -23.78 -1.71 -23.64
N ILE A 399 -24.78 -1.03 -23.06
CA ILE A 399 -24.88 -0.85 -21.60
C ILE A 399 -25.25 -2.21 -20.94
N GLU A 400 -26.15 -3.01 -21.55
CA GLU A 400 -26.56 -4.32 -21.03
C GLU A 400 -25.36 -5.30 -20.91
N GLY A 401 -24.43 -5.24 -21.86
CA GLY A 401 -23.24 -6.08 -21.88
C GLY A 401 -22.32 -5.92 -20.69
N TYR A 402 -22.13 -4.67 -20.23
CA TYR A 402 -21.28 -4.38 -19.06
C TYR A 402 -21.85 -5.03 -17.77
N LYS A 403 -23.18 -5.08 -17.60
CA LYS A 403 -23.80 -5.68 -16.40
C LYS A 403 -23.61 -7.21 -16.35
N GLU A 404 -23.41 -7.86 -17.51
CA GLU A 404 -23.22 -9.32 -17.59
C GLU A 404 -21.86 -9.73 -16.98
N LEU A 405 -20.77 -8.97 -17.28
CA LEU A 405 -19.45 -9.29 -16.72
C LEU A 405 -19.40 -8.97 -15.21
N MET A 406 -20.21 -8.02 -14.72
CA MET A 406 -20.27 -7.70 -13.28
C MET A 406 -21.17 -8.72 -12.58
N LEU A 416 -24.05 1.99 -10.61
CA LEU A 416 -22.60 2.16 -10.59
C LEU A 416 -22.00 1.67 -11.90
N ASP A 417 -22.30 0.42 -12.29
CA ASP A 417 -21.81 -0.16 -13.56
C ASP A 417 -22.59 0.43 -14.75
N ALA A 418 -23.88 0.82 -14.55
CA ALA A 418 -24.70 1.44 -15.58
C ALA A 418 -24.33 2.93 -15.76
N SER A 419 -24.06 3.65 -14.64
CA SER A 419 -23.65 5.06 -14.67
C SER A 419 -22.25 5.21 -15.30
N ALA A 420 -21.34 4.25 -15.02
CA ALA A 420 -20.00 4.21 -15.63
C ALA A 420 -20.13 3.92 -17.13
N VAL A 421 -21.10 3.06 -17.53
CA VAL A 421 -21.37 2.74 -18.94
C VAL A 421 -21.99 3.96 -19.63
N GLU A 422 -22.95 4.65 -18.96
CA GLU A 422 -23.59 5.86 -19.50
C GLU A 422 -22.54 6.95 -19.76
N HIS A 423 -21.55 7.09 -18.85
CA HIS A 423 -20.45 8.06 -18.99
C HIS A 423 -19.45 7.55 -20.05
N GLU A 424 -19.28 6.21 -20.16
CA GLU A 424 -18.36 5.61 -21.15
C GLU A 424 -18.91 5.76 -22.57
N VAL A 425 -20.18 5.39 -22.82
CA VAL A 425 -20.79 5.45 -24.15
C VAL A 425 -20.86 6.91 -24.64
N ASP A 426 -21.17 7.88 -23.75
CA ASP A 426 -21.27 9.29 -24.15
C ASP A 426 -19.89 9.85 -24.53
N GLN A 427 -18.85 9.53 -23.75
CA GLN A 427 -17.48 9.99 -24.02
C GLN A 427 -16.83 9.23 -25.19
N VAL A 428 -16.98 7.89 -25.26
CA VAL A 428 -16.40 7.07 -26.33
C VAL A 428 -16.97 7.51 -27.68
N LEU A 429 -18.29 7.71 -27.78
CA LEU A 429 -18.91 8.18 -29.03
C LEU A 429 -18.35 9.56 -29.41
N ASP A 430 -18.20 10.47 -28.42
CA ASP A 430 -17.66 11.81 -28.65
C ASP A 430 -16.13 11.76 -28.71
N GLU A 441 -20.16 0.82 -34.30
CA GLU A 441 -19.64 -0.54 -34.25
C GLU A 441 -19.16 -0.89 -32.85
N TYR A 442 -19.52 -2.09 -32.34
CA TYR A 442 -19.08 -2.52 -31.01
C TYR A 442 -17.56 -2.91 -31.02
N SER A 443 -16.98 -3.21 -32.20
CA SER A 443 -15.54 -3.52 -32.32
C SER A 443 -14.70 -2.24 -32.13
N GLU A 444 -15.13 -1.13 -32.75
CA GLU A 444 -14.48 0.18 -32.64
C GLU A 444 -14.71 0.79 -31.24
N PHE A 445 -15.85 0.45 -30.59
CA PHE A 445 -16.19 0.92 -29.24
C PHE A 445 -15.26 0.32 -28.20
N VAL A 446 -15.10 -1.02 -28.20
CA VAL A 446 -14.28 -1.75 -27.23
C VAL A 446 -12.82 -1.24 -27.29
N THR A 447 -12.27 -1.05 -28.51
CA THR A 447 -10.89 -0.56 -28.67
C THR A 447 -10.72 0.81 -28.04
N VAL A 448 -11.62 1.79 -28.33
CA VAL A 448 -11.53 3.14 -27.77
C VAL A 448 -11.86 3.14 -26.26
N ALA A 449 -12.92 2.42 -25.82
CA ALA A 449 -13.33 2.30 -24.41
C ALA A 449 -12.23 1.72 -23.51
N MET A 450 -11.36 0.85 -24.07
CA MET A 450 -10.28 0.22 -23.32
C MET A 450 -8.95 0.95 -23.58
N ASP A 451 -8.73 1.56 -24.78
CA ASP A 451 -7.53 2.35 -25.05
C ASP A 451 -7.53 3.62 -24.18
N ARG A 452 -8.74 4.10 -23.77
CA ARG A 452 -8.88 5.21 -22.83
C ARG A 452 -8.35 4.72 -21.47
N LYS A 453 -8.78 3.50 -21.06
CA LYS A 453 -8.36 2.87 -19.81
C LYS A 453 -6.82 2.55 -19.82
N THR A 454 -6.26 2.22 -21.01
CA THR A 454 -4.82 1.94 -21.18
C THR A 454 -3.99 3.22 -21.04
N LEU A 455 -4.50 4.35 -21.58
CA LEU A 455 -3.85 5.66 -21.47
C LEU A 455 -3.83 6.09 -19.99
N LEU A 456 -4.94 5.82 -19.25
CA LEU A 456 -5.02 6.13 -17.82
C LEU A 456 -4.00 5.32 -17.04
N SER A 457 -3.81 4.04 -17.43
CA SER A 457 -2.86 3.10 -16.80
C SER A 457 -1.38 3.52 -17.08
N ARG A 458 -1.09 3.95 -18.32
CA ARG A 458 0.22 4.43 -18.75
C ARG A 458 0.64 5.73 -17.97
N GLU A 459 -0.30 6.66 -17.78
CA GLU A 459 -0.04 7.95 -17.12
C GLU A 459 0.23 7.81 -15.59
N ARG A 460 -0.31 6.78 -14.92
CA ARG A 460 -0.03 6.54 -13.49
C ARG A 460 1.39 6.00 -13.33
N LEU A 461 1.79 5.13 -14.27
CA LEU A 461 3.14 4.58 -14.31
C LEU A 461 4.15 5.68 -14.62
N GLU A 462 3.82 6.56 -15.57
CA GLU A 462 4.67 7.69 -16.00
C GLU A 462 4.92 8.66 -14.86
N ARG A 463 3.91 8.92 -14.05
CA ARG A 463 4.03 9.77 -12.86
C ARG A 463 5.05 9.20 -11.87
N ALA A 464 5.00 7.90 -11.61
CA ALA A 464 5.93 7.27 -10.67
C ALA A 464 7.35 7.19 -11.28
N PHE A 465 7.48 6.99 -12.59
CA PHE A 465 8.79 7.03 -13.29
C PHE A 465 9.39 8.43 -13.17
N ARG A 466 8.63 9.48 -13.53
CA ARG A 466 9.07 10.88 -13.43
C ARG A 466 9.47 11.22 -12.00
N MET A 467 8.67 10.82 -11.01
CA MET A 467 8.97 11.11 -9.60
C MET A 467 10.24 10.35 -9.15
N PHE A 468 10.48 9.13 -9.66
CA PHE A 468 11.70 8.35 -9.35
C PHE A 468 12.92 9.03 -10.00
N ASP A 469 12.74 9.60 -11.18
CA ASP A 469 13.79 10.31 -11.90
C ASP A 469 13.94 11.72 -11.29
N SER A 470 14.51 11.79 -10.08
CA SER A 470 14.68 13.03 -9.31
C SER A 470 15.63 14.06 -9.98
N ASP A 471 16.60 13.62 -10.83
CA ASP A 471 17.54 14.56 -11.49
C ASP A 471 17.03 14.98 -12.91
N ASN A 472 15.85 14.48 -13.33
CA ASN A 472 15.17 14.80 -14.58
C ASN A 472 16.07 14.48 -15.79
N SER A 473 16.76 13.32 -15.72
CA SER A 473 17.64 12.80 -16.77
C SER A 473 16.83 12.14 -17.93
N GLY A 474 15.64 11.67 -17.61
CA GLY A 474 14.75 11.01 -18.54
C GLY A 474 14.95 9.52 -18.58
N LYS A 475 16.00 9.05 -17.88
CA LYS A 475 16.38 7.66 -17.89
C LYS A 475 16.71 7.14 -16.50
N ILE A 476 16.63 5.83 -16.34
CA ILE A 476 17.03 5.12 -15.12
C ILE A 476 18.11 4.12 -15.52
N SER A 477 19.21 4.07 -14.76
CA SER A 477 20.32 3.15 -15.02
C SER A 477 19.91 1.68 -14.81
N SER A 478 20.73 0.74 -15.31
CA SER A 478 20.50 -0.71 -15.15
C SER A 478 20.60 -1.10 -13.68
N THR A 479 21.42 -0.37 -12.90
CA THR A 479 21.60 -0.53 -11.46
C THR A 479 20.29 -0.17 -10.75
N GLU A 480 19.67 0.96 -11.16
CA GLU A 480 18.38 1.41 -10.63
C GLU A 480 17.30 0.43 -11.04
N LEU A 481 17.37 -0.14 -12.26
CA LEU A 481 16.44 -1.18 -12.68
C LEU A 481 16.54 -2.43 -11.80
N ALA A 482 17.76 -2.83 -11.42
CA ALA A 482 18.00 -4.02 -10.58
C ALA A 482 17.33 -3.85 -9.23
N THR A 483 17.45 -2.67 -8.63
CA THR A 483 16.80 -2.31 -7.38
C THR A 483 15.27 -2.35 -7.58
N ILE A 484 14.75 -1.65 -8.60
CA ILE A 484 13.32 -1.64 -8.91
C ILE A 484 12.78 -3.07 -9.15
N PHE A 485 13.33 -3.83 -10.11
CA PHE A 485 12.90 -5.19 -10.43
C PHE A 485 13.19 -6.15 -9.25
N GLY A 486 14.11 -5.77 -8.38
CA GLY A 486 14.38 -6.52 -7.16
C GLY A 486 13.25 -6.42 -6.17
N VAL A 487 12.77 -5.19 -5.89
CA VAL A 487 11.67 -4.96 -4.96
C VAL A 487 10.32 -5.48 -5.56
N SER A 488 10.16 -5.53 -6.90
CA SER A 488 8.93 -6.07 -7.50
C SER A 488 9.03 -7.60 -7.80
N ASP A 489 10.16 -8.25 -7.43
CA ASP A 489 10.42 -9.68 -7.51
C ASP A 489 10.43 -10.25 -8.95
N VAL A 490 11.01 -9.50 -9.89
CA VAL A 490 11.22 -9.96 -11.26
C VAL A 490 12.67 -10.47 -11.30
N ASP A 491 12.87 -11.72 -11.76
CA ASP A 491 14.19 -12.36 -11.80
C ASP A 491 15.15 -11.55 -12.74
N SER A 492 16.44 -11.44 -12.32
CA SER A 492 17.49 -10.70 -13.04
C SER A 492 17.63 -11.09 -14.54
N GLU A 493 17.75 -12.39 -14.84
CA GLU A 493 17.91 -12.86 -16.22
C GLU A 493 16.64 -12.61 -17.06
N THR A 494 15.47 -12.63 -16.40
CA THR A 494 14.19 -12.44 -17.07
C THR A 494 14.06 -10.96 -17.55
N TRP A 495 14.29 -9.95 -16.68
CA TRP A 495 14.19 -8.56 -17.14
C TRP A 495 15.36 -8.18 -18.07
N LYS A 496 16.59 -8.72 -17.89
CA LYS A 496 17.72 -8.39 -18.78
C LYS A 496 17.50 -8.97 -20.20
N SER A 497 16.81 -10.13 -20.31
CA SER A 497 16.49 -10.75 -21.61
C SER A 497 15.50 -9.86 -22.35
N VAL A 498 14.42 -9.50 -21.64
CA VAL A 498 13.34 -8.63 -22.11
C VAL A 498 13.88 -7.25 -22.54
N LEU A 499 14.87 -6.71 -21.81
CA LEU A 499 15.49 -5.42 -22.14
C LEU A 499 16.20 -5.47 -23.53
N SER A 500 16.99 -6.54 -23.81
CA SER A 500 17.68 -6.70 -25.09
C SER A 500 16.70 -6.89 -26.27
N GLU A 501 15.50 -7.42 -26.00
CA GLU A 501 14.44 -7.62 -27.00
C GLU A 501 13.80 -6.27 -27.41
N VAL A 502 13.63 -5.33 -26.43
CA VAL A 502 13.05 -4.00 -26.68
C VAL A 502 14.05 -3.17 -27.47
N ASP A 503 15.26 -3.03 -26.91
CA ASP A 503 16.35 -2.27 -27.52
C ASP A 503 17.66 -3.06 -27.38
N LYS A 504 18.23 -3.49 -28.51
CA LYS A 504 19.49 -4.25 -28.52
C LYS A 504 20.69 -3.33 -28.23
N ASN A 505 20.67 -2.07 -28.71
CA ASN A 505 21.81 -1.14 -28.51
C ASN A 505 21.55 -0.14 -27.35
N ASN A 506 21.06 -0.62 -26.18
CA ASN A 506 20.89 0.22 -24.99
C ASN A 506 22.26 0.22 -24.26
N ASP A 507 22.63 1.35 -23.61
CA ASP A 507 23.94 1.49 -22.93
C ASP A 507 23.75 1.54 -21.41
N GLY A 508 23.04 0.56 -20.87
CA GLY A 508 22.79 0.47 -19.44
C GLY A 508 21.80 1.50 -18.91
N GLU A 509 20.88 1.99 -19.76
CA GLU A 509 19.86 2.98 -19.39
C GLU A 509 18.59 2.77 -20.19
N VAL A 510 17.43 3.11 -19.61
CA VAL A 510 16.15 3.03 -20.29
C VAL A 510 15.39 4.32 -20.09
N ASP A 511 14.66 4.73 -21.13
CA ASP A 511 13.75 5.88 -21.06
C ASP A 511 12.40 5.33 -20.64
N PHE A 512 11.42 6.18 -20.46
CA PHE A 512 10.08 5.77 -20.03
C PHE A 512 9.42 4.77 -21.01
N ASP A 513 9.41 5.09 -22.32
CA ASP A 513 8.82 4.21 -23.34
C ASP A 513 9.44 2.82 -23.31
N GLU A 514 10.77 2.75 -23.14
CA GLU A 514 11.49 1.48 -23.07
C GLU A 514 11.08 0.71 -21.80
N PHE A 515 11.04 1.39 -20.64
CA PHE A 515 10.59 0.82 -19.37
C PHE A 515 9.19 0.24 -19.56
N GLN A 516 8.23 1.07 -20.05
CA GLN A 516 6.86 0.65 -20.39
C GLN A 516 6.89 -0.59 -21.31
N GLN A 517 7.74 -0.59 -22.35
CA GLN A 517 7.85 -1.73 -23.27
C GLN A 517 8.36 -2.99 -22.56
N MET A 518 9.31 -2.85 -21.61
CA MET A 518 9.83 -3.98 -20.83
C MET A 518 8.74 -4.63 -19.97
N LEU A 519 7.92 -3.80 -19.31
CA LEU A 519 6.81 -4.30 -18.47
C LEU A 519 5.74 -5.02 -19.31
N LEU A 520 5.46 -4.55 -20.52
CA LEU A 520 4.50 -5.19 -21.40
C LEU A 520 4.95 -6.59 -21.80
N LYS A 521 6.24 -6.74 -22.07
CA LYS A 521 6.84 -8.02 -22.42
C LYS A 521 6.85 -8.96 -21.20
N LEU A 522 7.08 -8.42 -20.00
CA LEU A 522 7.05 -9.22 -18.77
C LEU A 522 5.62 -9.72 -18.40
N CYS A 523 4.54 -9.24 -19.06
CA CYS A 523 3.19 -9.75 -18.77
C CYS A 523 2.54 -10.29 -20.07
N GLY A 524 3.35 -10.89 -20.95
CA GLY A 524 2.90 -11.49 -22.20
C GLY A 524 2.19 -10.55 -23.16
N ASN A 525 2.76 -9.35 -23.39
CA ASN A 525 2.17 -8.34 -24.28
C ASN A 525 3.27 -7.55 -25.04
N1 5G9 B . -7.50 4.43 3.17
N3 5G9 B . -5.03 -0.46 4.23
C4 5G9 B . -8.61 8.35 2.74
C5 5G9 B . -7.89 3.80 4.27
C6 5G9 B . -7.44 2.40 4.31
C7 5G9 B . -6.04 0.40 4.25
C8 5G9 B . -8.03 1.25 4.79
C10 5G9 B . -9.47 0.19 6.47
C13 5G9 B . -11.73 1.46 5.51
C15 5G9 B . -8.96 5.71 5.17
CL 5G9 B . -10.85 -1.30 8.24
C11 5G9 B . -10.72 -0.09 7.00
C12 5G9 B . -11.85 0.54 6.54
C14 5G9 B . -10.50 1.73 4.94
C9 5G9 B . -9.35 1.09 5.42
N2 5G9 B . -7.23 0.12 4.73
S 5G9 B . -5.81 2.06 3.77
C16 5G9 B . -8.61 4.40 5.31
C 5G9 B . -8.59 6.41 4.02
C1 5G9 B . -7.84 5.75 3.02
C2 5G9 B . -7.47 6.46 1.86
C3 5G9 B . -7.85 7.76 1.73
N 5G9 B . -8.99 7.73 3.86
UNK UNX C . 5.72 2.66 0.97
UNK UNX D . 13.80 -11.83 -32.14
UNK UNX E . -27.75 14.38 10.51
UNK UNX F . 14.78 -13.86 29.04
UNK UNX G . 0.55 -11.34 25.30
UNK UNX H . 17.06 -18.90 14.18
UNK UNX I . -23.63 14.23 7.80
#